data_6R0B
#
_entry.id   6R0B
#
_cell.length_a   58.094
_cell.length_b   58.094
_cell.length_c   396.952
_cell.angle_alpha   90.000
_cell.angle_beta   90.000
_cell.angle_gamma   120.000
#
_symmetry.space_group_name_H-M   'P 61 2 2'
#
loop_
_entity.id
_entity.type
_entity.pdbx_description
1 polymer 'Farnesyl diphosphate synthase'
2 non-polymer 3-[[4-(5-chloranyl-1,3-benzothiazol-2-yl)piperazin-1-yl]methyl]-1~{H}-indol-5-ol
3 non-polymer 'ZINC ION'
4 non-polymer 'SULFATE ION'
5 water water
#
_entity_poly.entity_id   1
_entity_poly.type   'polypeptide(L)'
_entity_poly.pdbx_seq_one_letter_code
;GPMASMERFLSVYDEVQAFLLDQLQSKYEIDPNRARYLRIMMDTTCLGGKYFRGMTVVNVAEGFLAVTQHDEATKERILH
DACVGGWMIEFLQAHYLVEDDIMDGSVMRRGKPCWYRFPGVTTQCAINDGIILKSWTQIMAWHYFADRPFLKDLLCLFQK
VDYATAVGQMYDVTSMCDSNKLDPEVAQPMTTDFAEFTPAIYKRIVKYKTTFYTYLLPLVMGLLVSEAAASVEMNLVERV
AHLIGEYFQVQDDVMDCFTPPEQLGKVGTDIEDAKCSWLAVTFLGKANAAQVAEFKANYGEKDPAKVAVVKRLYSKANLQ
ADFAAYEAEVVREVESLIEQLKVKSPTFAESVAVVWEKTHKRKK
;
_entity_poly.pdbx_strand_id   A
#
loop_
_chem_comp.id
_chem_comp.type
_chem_comp.name
_chem_comp.formula
JMW non-polymer 3-[[4-(5-chloranyl-1,3-benzothiazol-2-yl)piperazin-1-yl]methyl]-1~{H}-indol-5-ol 'C20 H19 Cl N4 O S'
SO4 non-polymer 'SULFATE ION' 'O4 S -2'
ZN non-polymer 'ZINC ION' 'Zn 2'
#
# COMPACT_ATOMS: atom_id res chain seq x y z
N ALA A 4 13.28 -0.76 22.19
CA ALA A 4 12.67 -1.47 21.06
C ALA A 4 12.12 -0.51 20.02
N SER A 5 12.21 -0.92 18.75
CA SER A 5 11.80 -0.15 17.57
C SER A 5 10.33 0.24 17.58
N MET A 6 9.46 -0.69 17.97
CA MET A 6 8.03 -0.44 18.03
C MET A 6 7.67 0.63 19.09
N GLU A 7 8.31 0.58 20.29
CA GLU A 7 8.10 1.53 21.40
C GLU A 7 8.50 2.92 20.90
N ARG A 8 9.65 2.99 20.20
CA ARG A 8 10.15 4.27 19.68
C ARG A 8 9.19 4.80 18.61
N PHE A 9 8.75 3.91 17.71
CA PHE A 9 7.85 4.25 16.59
C PHE A 9 6.53 4.83 17.09
N LEU A 10 5.91 4.16 18.08
CA LEU A 10 4.65 4.65 18.65
C LEU A 10 4.81 5.92 19.48
N SER A 11 5.95 6.11 20.19
CA SER A 11 6.20 7.34 20.96
C SER A 11 6.31 8.51 19.99
N VAL A 12 6.91 8.28 18.80
CA VAL A 12 7.04 9.36 17.83
C VAL A 12 5.67 9.77 17.28
N TYR A 13 4.73 8.80 17.12
CA TYR A 13 3.37 9.15 16.69
C TYR A 13 2.80 10.21 17.67
N ASP A 14 2.93 9.97 18.98
CA ASP A 14 2.37 10.90 19.96
C ASP A 14 3.00 12.29 19.83
N GLU A 15 4.31 12.33 19.56
CA GLU A 15 5.04 13.58 19.39
C GLU A 15 4.57 14.34 18.13
N VAL A 16 4.50 13.61 17.01
CA VAL A 16 4.08 14.20 15.74
C VAL A 16 2.65 14.67 15.83
N GLN A 17 1.75 13.86 16.46
CA GLN A 17 0.35 14.27 16.63
C GLN A 17 0.23 15.56 17.43
N ALA A 18 0.98 15.65 18.55
CA ALA A 18 1.01 16.82 19.41
C ALA A 18 1.52 18.02 18.62
N PHE A 19 2.59 17.85 17.83
CA PHE A 19 3.14 18.93 17.02
C PHE A 19 2.08 19.44 16.03
N LEU A 20 1.46 18.54 15.26
CA LEU A 20 0.46 18.94 14.25
C LEU A 20 -0.72 19.70 14.87
N LEU A 21 -1.26 19.20 15.97
CA LEU A 21 -2.42 19.81 16.61
C LEU A 21 -2.08 21.12 17.29
N ASP A 22 -0.85 21.21 17.88
CA ASP A 22 -0.39 22.45 18.53
C ASP A 22 -0.17 23.53 17.49
N GLN A 23 0.36 23.16 16.30
CA GLN A 23 0.55 24.07 15.16
C GLN A 23 -0.80 24.61 14.64
N LEU A 24 -1.84 23.76 14.64
CA LEU A 24 -3.17 24.18 14.20
C LEU A 24 -3.74 25.22 15.15
N GLN A 25 -3.43 25.09 16.46
CA GLN A 25 -3.88 26.06 17.45
C GLN A 25 -3.09 27.37 17.35
N SER A 26 -1.75 27.29 17.31
CA SER A 26 -0.92 28.48 17.30
C SER A 26 -0.89 29.26 15.99
N LYS A 27 -1.01 28.58 14.82
CA LYS A 27 -0.87 29.24 13.52
C LYS A 27 -2.10 29.20 12.61
N TYR A 28 -3.08 28.32 12.89
CA TYR A 28 -4.24 28.16 11.99
C TYR A 28 -5.58 28.52 12.62
N GLU A 29 -5.53 29.16 13.80
CA GLU A 29 -6.70 29.66 14.54
C GLU A 29 -7.73 28.56 14.86
N ILE A 30 -7.27 27.30 15.01
CA ILE A 30 -8.20 26.21 15.32
C ILE A 30 -8.76 26.32 16.73
N ASP A 31 -10.01 25.86 16.87
CA ASP A 31 -10.72 25.80 18.15
C ASP A 31 -10.54 24.38 18.74
N PRO A 32 -10.68 24.19 20.07
CA PRO A 32 -10.47 22.86 20.68
C PRO A 32 -11.35 21.74 20.14
N ASN A 33 -12.57 22.06 19.72
CA ASN A 33 -13.49 21.07 19.17
C ASN A 33 -13.06 20.54 17.81
N ARG A 34 -12.59 21.43 16.91
CA ARG A 34 -12.09 20.97 15.63
C ARG A 34 -10.73 20.27 15.75
N ALA A 35 -9.91 20.67 16.74
CA ALA A 35 -8.63 19.97 17.03
C ALA A 35 -8.98 18.53 17.52
N ARG A 36 -10.02 18.39 18.36
N ARG A 36 -10.02 18.38 18.37
CA ARG A 36 -10.46 17.08 18.86
CA ARG A 36 -10.46 17.06 18.85
C ARG A 36 -10.93 16.18 17.70
C ARG A 36 -10.89 16.18 17.66
N TYR A 37 -11.75 16.72 16.76
CA TYR A 37 -12.21 16.01 15.57
C TYR A 37 -11.00 15.52 14.74
N LEU A 38 -9.99 16.39 14.55
CA LEU A 38 -8.82 16.02 13.76
C LEU A 38 -7.93 15.00 14.48
N ARG A 39 -7.87 15.06 15.83
CA ARG A 39 -7.13 14.09 16.64
C ARG A 39 -7.75 12.70 16.46
N ILE A 40 -9.08 12.62 16.61
CA ILE A 40 -9.82 11.36 16.46
C ILE A 40 -9.69 10.85 15.02
N MET A 41 -9.78 11.76 14.03
CA MET A 41 -9.64 11.37 12.62
C MET A 41 -8.25 10.72 12.43
N MET A 42 -7.18 11.36 12.96
CA MET A 42 -5.82 10.87 12.80
C MET A 42 -5.71 9.48 13.45
N ASP A 43 -6.18 9.30 14.69
CA ASP A 43 -6.09 8.00 15.34
C ASP A 43 -6.86 6.91 14.58
N THR A 44 -8.07 7.24 14.13
CA THR A 44 -8.93 6.26 13.45
C THR A 44 -8.41 5.83 12.08
N THR A 45 -7.77 6.76 11.37
CA THR A 45 -7.29 6.47 10.02
C THR A 45 -5.85 5.98 9.98
N CYS A 46 -5.01 6.38 10.97
CA CYS A 46 -3.59 6.04 10.96
C CYS A 46 -3.18 4.87 11.82
N LEU A 47 -3.95 4.57 12.87
CA LEU A 47 -3.56 3.53 13.81
C LEU A 47 -4.37 2.26 13.67
N GLY A 48 -3.83 1.17 14.18
CA GLY A 48 -4.56 -0.10 14.17
C GLY A 48 -4.05 -1.18 13.25
N GLY A 49 -3.22 -0.80 12.28
CA GLY A 49 -2.59 -1.72 11.35
C GLY A 49 -1.34 -2.33 11.97
N LYS A 50 -0.53 -3.02 11.17
CA LYS A 50 0.70 -3.65 11.66
C LYS A 50 1.91 -2.71 11.61
N TYR A 51 1.75 -1.56 10.89
CA TYR A 51 2.80 -0.54 10.71
C TYR A 51 3.97 -1.12 9.95
N PHE A 52 3.69 -2.11 9.08
CA PHE A 52 4.72 -2.76 8.29
C PHE A 52 5.55 -1.74 7.48
N ARG A 53 4.87 -0.82 6.77
CA ARG A 53 5.53 0.16 5.91
C ARG A 53 6.42 1.12 6.74
N GLY A 54 5.85 1.67 7.80
CA GLY A 54 6.60 2.59 8.67
C GLY A 54 7.76 1.91 9.39
N MET A 55 7.53 0.72 9.96
CA MET A 55 8.59 -0.02 10.66
C MET A 55 9.73 -0.47 9.70
N THR A 56 9.45 -0.66 8.41
CA THR A 56 10.51 -1.00 7.45
C THR A 56 11.58 0.12 7.40
N VAL A 57 11.14 1.38 7.41
CA VAL A 57 12.08 2.50 7.43
C VAL A 57 13.00 2.38 8.67
N VAL A 58 12.39 2.13 9.85
CA VAL A 58 13.12 2.01 11.12
C VAL A 58 14.12 0.85 11.05
N ASN A 59 13.65 -0.34 10.61
CA ASN A 59 14.46 -1.54 10.49
C ASN A 59 15.67 -1.35 9.53
N VAL A 60 15.45 -0.70 8.36
CA VAL A 60 16.55 -0.41 7.42
C VAL A 60 17.57 0.49 8.14
N ALA A 61 17.10 1.58 8.79
CA ALA A 61 17.99 2.52 9.48
C ALA A 61 18.78 1.81 10.60
N GLU A 62 18.09 0.91 11.34
CA GLU A 62 18.72 0.11 12.41
C GLU A 62 19.84 -0.78 11.90
N GLY A 63 19.65 -1.35 10.71
CA GLY A 63 20.64 -2.21 10.06
C GLY A 63 21.93 -1.47 9.84
N PHE A 64 21.85 -0.23 9.28
CA PHE A 64 23.02 0.60 9.03
C PHE A 64 23.70 1.07 10.30
N LEU A 65 22.91 1.40 11.34
CA LEU A 65 23.47 1.85 12.62
C LEU A 65 24.40 0.82 13.21
N ALA A 66 24.08 -0.46 13.01
CA ALA A 66 24.86 -1.57 13.55
C ALA A 66 26.27 -1.69 12.98
N VAL A 67 26.51 -1.15 11.77
CA VAL A 67 27.78 -1.31 11.07
C VAL A 67 28.50 0.03 10.80
N THR A 68 27.92 1.17 11.22
CA THR A 68 28.47 2.51 10.96
C THR A 68 28.88 3.20 12.28
N GLN A 69 29.97 3.99 12.27
CA GLN A 69 30.44 4.73 13.43
C GLN A 69 29.62 6.03 13.59
N HIS A 70 29.03 6.25 14.77
CA HIS A 70 28.25 7.47 15.03
C HIS A 70 28.33 7.77 16.50
N ASP A 71 28.17 9.05 16.87
CA ASP A 71 28.01 9.49 18.26
C ASP A 71 26.62 9.00 18.66
N GLU A 72 26.37 8.79 19.97
CA GLU A 72 25.05 8.35 20.46
C GLU A 72 23.93 9.32 20.04
N ALA A 73 24.19 10.64 20.11
CA ALA A 73 23.20 11.66 19.69
C ALA A 73 22.79 11.51 18.22
N THR A 74 23.77 11.11 17.36
CA THR A 74 23.54 10.88 15.94
C THR A 74 22.69 9.66 15.74
N LYS A 75 22.97 8.55 16.47
CA LYS A 75 22.16 7.30 16.37
C LYS A 75 20.70 7.65 16.73
N GLU A 76 20.51 8.46 17.79
CA GLU A 76 19.16 8.89 18.19
C GLU A 76 18.50 9.76 17.14
N ARG A 77 19.27 10.69 16.54
CA ARG A 77 18.72 11.56 15.50
C ARG A 77 18.26 10.71 14.28
N ILE A 78 19.09 9.73 13.87
CA ILE A 78 18.79 8.87 12.72
C ILE A 78 17.53 8.07 13.01
N LEU A 79 17.47 7.45 14.21
CA LEU A 79 16.27 6.67 14.58
C LEU A 79 15.00 7.53 14.64
N HIS A 80 15.11 8.73 15.19
CA HIS A 80 13.95 9.64 15.21
C HIS A 80 13.54 10.00 13.75
N ASP A 81 14.52 10.31 12.87
CA ASP A 81 14.24 10.62 11.46
C ASP A 81 13.53 9.41 10.78
N ALA A 82 13.97 8.18 11.05
CA ALA A 82 13.37 6.98 10.48
C ALA A 82 11.91 6.82 10.95
N CYS A 83 11.63 7.15 12.23
CA CYS A 83 10.25 7.06 12.76
C CYS A 83 9.39 8.10 12.10
N VAL A 84 9.89 9.35 11.96
CA VAL A 84 9.13 10.41 11.30
C VAL A 84 8.84 10.02 9.83
N GLY A 85 9.89 9.60 9.11
CA GLY A 85 9.73 9.15 7.73
C GLY A 85 8.74 7.99 7.60
N GLY A 86 8.79 7.06 8.55
CA GLY A 86 7.86 5.92 8.58
C GLY A 86 6.44 6.40 8.80
N TRP A 87 6.24 7.41 9.67
CA TRP A 87 4.89 7.97 9.85
C TRP A 87 4.42 8.72 8.61
N MET A 88 5.35 9.37 7.87
CA MET A 88 4.90 10.00 6.60
C MET A 88 4.29 8.91 5.69
N ILE A 89 4.90 7.72 5.66
CA ILE A 89 4.35 6.65 4.79
C ILE A 89 3.01 6.14 5.32
N GLU A 90 2.90 5.97 6.64
CA GLU A 90 1.66 5.48 7.26
C GLU A 90 0.50 6.48 7.01
N PHE A 91 0.80 7.79 7.08
CA PHE A 91 -0.21 8.82 6.82
C PHE A 91 -0.58 8.86 5.33
N LEU A 92 0.39 8.59 4.46
CA LEU A 92 0.11 8.55 3.02
C LEU A 92 -0.81 7.37 2.75
N GLN A 93 -0.53 6.23 3.39
CA GLN A 93 -1.43 5.08 3.24
C GLN A 93 -2.84 5.45 3.77
N ALA A 94 -2.92 6.12 4.93
CA ALA A 94 -4.20 6.52 5.52
C ALA A 94 -5.03 7.37 4.51
N HIS A 95 -4.35 8.33 3.82
CA HIS A 95 -4.93 9.19 2.76
C HIS A 95 -5.57 8.30 1.67
N TYR A 96 -4.79 7.38 1.09
N TYR A 96 -4.79 7.34 1.13
CA TYR A 96 -5.31 6.55 0.01
CA TYR A 96 -5.27 6.43 0.10
C TYR A 96 -6.41 5.57 0.48
C TYR A 96 -6.45 5.65 0.54
N LEU A 97 -6.37 5.07 1.75
CA LEU A 97 -7.45 4.20 2.27
C LEU A 97 -8.76 4.96 2.45
N VAL A 98 -8.68 6.16 3.02
CA VAL A 98 -9.85 7.00 3.20
C VAL A 98 -10.52 7.31 1.85
N GLU A 99 -9.72 7.75 0.90
CA GLU A 99 -10.21 8.15 -0.43
C GLU A 99 -10.73 6.95 -1.24
N ASP A 100 -9.97 5.84 -1.23
CA ASP A 100 -10.33 4.61 -1.96
C ASP A 100 -11.59 4.01 -1.38
N ASP A 101 -11.80 4.10 -0.06
CA ASP A 101 -13.01 3.55 0.54
C ASP A 101 -14.23 4.33 0.09
N ILE A 102 -14.10 5.67 -0.05
CA ILE A 102 -15.19 6.49 -0.56
C ILE A 102 -15.43 6.17 -2.03
N MET A 103 -14.34 6.14 -2.84
CA MET A 103 -14.46 5.86 -4.28
C MET A 103 -15.12 4.51 -4.60
N ASP A 104 -14.78 3.47 -3.81
CA ASP A 104 -15.21 2.10 -4.02
C ASP A 104 -16.52 1.76 -3.31
N GLY A 105 -16.99 2.67 -2.46
CA GLY A 105 -18.21 2.46 -1.70
C GLY A 105 -18.02 1.35 -0.67
N SER A 106 -16.79 1.20 -0.14
CA SER A 106 -16.47 0.18 0.85
C SER A 106 -17.25 0.38 2.16
N VAL A 107 -17.53 -0.74 2.88
CA VAL A 107 -18.32 -0.73 4.09
C VAL A 107 -17.46 -0.78 5.37
N MET A 108 -16.50 -1.71 5.40
CA MET A 108 -15.63 -1.94 6.54
C MET A 108 -14.17 -1.88 6.14
N ARG A 109 -13.33 -1.65 7.15
CA ARG A 109 -11.88 -1.53 7.06
C ARG A 109 -11.37 -1.85 8.48
N ARG A 110 -10.63 -2.97 8.61
CA ARG A 110 -10.05 -3.51 9.87
C ARG A 110 -11.12 -3.83 10.95
N GLY A 111 -12.23 -4.41 10.52
CA GLY A 111 -13.33 -4.78 11.41
C GLY A 111 -14.12 -3.61 11.99
N LYS A 112 -13.86 -2.40 11.47
CA LYS A 112 -14.53 -1.16 11.87
C LYS A 112 -15.15 -0.51 10.63
N PRO A 113 -16.18 0.37 10.74
CA PRO A 113 -16.69 1.02 9.53
C PRO A 113 -15.61 1.90 8.90
N CYS A 114 -15.69 2.09 7.58
CA CYS A 114 -14.80 3.01 6.87
C CYS A 114 -15.01 4.40 7.43
N TRP A 115 -13.95 5.21 7.45
CA TRP A 115 -14.03 6.56 8.02
C TRP A 115 -15.25 7.37 7.59
N TYR A 116 -15.54 7.42 6.27
CA TYR A 116 -16.66 8.21 5.75
C TYR A 116 -18.04 7.78 6.26
N ARG A 117 -18.14 6.53 6.71
CA ARG A 117 -19.36 5.94 7.22
C ARG A 117 -19.63 6.27 8.67
N PHE A 118 -18.66 6.89 9.39
CA PHE A 118 -18.91 7.31 10.77
C PHE A 118 -20.06 8.35 10.76
N PRO A 119 -20.99 8.30 11.73
CA PRO A 119 -22.17 9.19 11.69
C PRO A 119 -21.90 10.68 11.59
N GLY A 120 -20.84 11.13 12.29
CA GLY A 120 -20.50 12.53 12.36
C GLY A 120 -19.42 12.93 11.39
N VAL A 121 -19.13 12.03 10.43
CA VAL A 121 -18.12 12.29 9.42
C VAL A 121 -18.78 12.62 8.09
N THR A 122 -19.32 11.62 7.38
CA THR A 122 -19.98 11.76 6.06
C THR A 122 -18.93 11.99 4.96
N THR A 123 -19.32 11.69 3.70
CA THR A 123 -18.42 11.87 2.55
C THR A 123 -17.93 13.34 2.42
N GLN A 124 -18.83 14.29 2.70
CA GLN A 124 -18.52 15.73 2.62
C GLN A 124 -17.26 16.07 3.42
N CYS A 125 -17.15 15.53 4.64
CA CYS A 125 -15.97 15.78 5.46
C CYS A 125 -14.83 14.83 5.15
N ALA A 126 -15.14 13.52 4.98
CA ALA A 126 -14.11 12.50 4.76
C ALA A 126 -13.17 12.78 3.59
N ILE A 127 -13.70 13.30 2.46
CA ILE A 127 -12.83 13.57 1.29
C ILE A 127 -11.77 14.58 1.73
N ASN A 128 -12.19 15.60 2.48
CA ASN A 128 -11.26 16.63 2.95
C ASN A 128 -10.31 16.10 4.00
N ASP A 129 -10.82 15.26 4.93
CA ASP A 129 -9.98 14.61 5.94
C ASP A 129 -8.84 13.84 5.24
N GLY A 130 -9.17 13.14 4.16
CA GLY A 130 -8.21 12.40 3.35
C GLY A 130 -7.15 13.34 2.78
N ILE A 131 -7.59 14.52 2.31
CA ILE A 131 -6.67 15.56 1.79
C ILE A 131 -5.73 16.05 2.90
N ILE A 132 -6.29 16.28 4.08
CA ILE A 132 -5.51 16.73 5.25
C ILE A 132 -4.43 15.69 5.63
N LEU A 133 -4.82 14.42 5.68
CA LEU A 133 -3.88 13.33 5.98
C LEU A 133 -2.60 13.42 5.11
N LYS A 134 -2.77 13.67 3.80
CA LYS A 134 -1.58 13.74 2.95
C LYS A 134 -0.84 15.09 3.18
N SER A 135 -1.58 16.20 3.41
CA SER A 135 -0.86 17.48 3.69
C SER A 135 0.01 17.32 4.95
N TRP A 136 -0.48 16.56 5.95
CA TRP A 136 0.29 16.33 7.17
C TRP A 136 1.63 15.66 6.89
N THR A 137 1.72 14.74 5.89
CA THR A 137 3.02 14.12 5.56
C THR A 137 4.04 15.19 5.17
N GLN A 138 3.60 16.23 4.44
CA GLN A 138 4.49 17.31 4.05
C GLN A 138 4.83 18.23 5.22
N ILE A 139 3.83 18.50 6.11
CA ILE A 139 4.10 19.33 7.29
C ILE A 139 5.20 18.65 8.12
N MET A 140 5.11 17.30 8.33
CA MET A 140 6.12 16.52 9.03
C MET A 140 7.51 16.69 8.40
N ALA A 141 7.60 16.55 7.06
CA ALA A 141 8.91 16.62 6.39
C ALA A 141 9.58 17.95 6.54
N TRP A 142 8.86 19.03 6.24
CA TRP A 142 9.41 20.38 6.28
C TRP A 142 9.82 20.79 7.69
N HIS A 143 9.09 20.33 8.70
CA HIS A 143 9.40 20.65 10.09
C HIS A 143 10.59 19.82 10.60
N TYR A 144 10.45 18.48 10.62
CA TYR A 144 11.47 17.62 11.22
C TYR A 144 12.77 17.51 10.41
N PHE A 145 12.68 17.67 9.09
CA PHE A 145 13.84 17.51 8.19
C PHE A 145 14.35 18.82 7.59
N ALA A 146 13.91 19.96 8.17
CA ALA A 146 14.29 21.30 7.75
C ALA A 146 15.79 21.44 7.44
N ASP A 147 16.66 21.00 8.34
CA ASP A 147 18.10 21.21 8.11
C ASP A 147 18.83 19.98 7.54
N ARG A 148 18.08 18.93 7.17
CA ARG A 148 18.68 17.67 6.74
C ARG A 148 19.20 17.67 5.33
N PRO A 149 20.38 17.04 5.12
CA PRO A 149 20.94 16.98 3.75
C PRO A 149 20.07 16.19 2.77
N PHE A 150 19.24 15.25 3.27
CA PHE A 150 18.39 14.37 2.45
C PHE A 150 16.98 14.94 2.15
N LEU A 151 16.68 16.14 2.67
CA LEU A 151 15.36 16.76 2.50
C LEU A 151 14.92 16.83 1.04
N LYS A 152 15.77 17.36 0.18
CA LYS A 152 15.39 17.46 -1.25
C LYS A 152 15.06 16.09 -1.85
N ASP A 153 16.00 15.11 -1.71
CA ASP A 153 15.81 13.77 -2.26
C ASP A 153 14.58 13.07 -1.70
N LEU A 154 14.33 13.23 -0.39
CA LEU A 154 13.17 12.62 0.26
C LEU A 154 11.84 13.18 -0.31
N LEU A 155 11.72 14.52 -0.41
CA LEU A 155 10.49 15.14 -0.95
C LEU A 155 10.28 14.77 -2.40
N CYS A 156 11.39 14.70 -3.17
CA CYS A 156 11.29 14.32 -4.58
C CYS A 156 10.80 12.86 -4.75
N LEU A 157 11.38 11.93 -3.95
CA LEU A 157 11.02 10.51 -3.99
C LEU A 157 9.56 10.33 -3.54
N PHE A 158 9.17 11.04 -2.46
CA PHE A 158 7.81 10.98 -1.95
C PHE A 158 6.77 11.40 -2.98
N GLN A 159 7.05 12.48 -3.72
CA GLN A 159 6.19 13.01 -4.76
C GLN A 159 6.06 11.96 -5.87
N LYS A 160 7.19 11.43 -6.35
CA LYS A 160 7.11 10.44 -7.44
C LYS A 160 6.30 9.20 -7.04
N VAL A 161 6.44 8.74 -5.78
CA VAL A 161 5.74 7.57 -5.28
C VAL A 161 4.22 7.84 -5.19
N ASP A 162 3.88 9.02 -4.62
CA ASP A 162 2.49 9.48 -4.52
C ASP A 162 1.86 9.55 -5.93
N TYR A 163 2.56 10.13 -6.90
CA TYR A 163 2.00 10.22 -8.26
C TYR A 163 1.79 8.84 -8.89
N ALA A 164 2.79 7.96 -8.74
CA ALA A 164 2.73 6.60 -9.30
C ALA A 164 1.49 5.90 -8.69
N THR A 165 1.25 6.11 -7.38
CA THR A 165 0.11 5.49 -6.67
C THR A 165 -1.24 5.99 -7.18
N ALA A 166 -1.37 7.31 -7.44
CA ALA A 166 -2.60 7.88 -7.98
C ALA A 166 -2.83 7.30 -9.41
N VAL A 167 -1.73 7.16 -10.20
CA VAL A 167 -1.82 6.56 -11.55
C VAL A 167 -2.32 5.10 -11.43
N GLY A 168 -1.79 4.37 -10.44
CA GLY A 168 -2.19 2.99 -10.15
C GLY A 168 -3.66 2.83 -9.82
N GLN A 169 -4.23 3.75 -9.01
CA GLN A 169 -5.64 3.75 -8.65
C GLN A 169 -6.48 3.91 -9.95
N MET A 170 -6.03 4.78 -10.88
CA MET A 170 -6.73 4.96 -12.15
C MET A 170 -6.71 3.63 -12.92
N TYR A 171 -5.54 2.99 -12.99
CA TYR A 171 -5.39 1.69 -13.68
C TYR A 171 -6.35 0.65 -13.09
N ASP A 172 -6.42 0.61 -11.76
CA ASP A 172 -7.24 -0.33 -11.01
C ASP A 172 -8.74 -0.12 -11.22
N VAL A 173 -9.23 1.12 -11.06
CA VAL A 173 -10.69 1.44 -11.14
C VAL A 173 -11.23 1.27 -12.54
N THR A 174 -10.36 1.38 -13.55
CA THR A 174 -10.77 1.24 -14.97
C THR A 174 -10.37 -0.13 -15.55
N SER A 175 -9.91 -1.09 -14.70
CA SER A 175 -9.40 -2.38 -15.18
C SER A 175 -10.45 -3.30 -15.83
N MET A 176 -11.74 -3.02 -15.62
CA MET A 176 -12.86 -3.80 -16.12
C MET A 176 -13.59 -3.15 -17.33
N CYS A 177 -13.02 -2.07 -17.86
CA CYS A 177 -13.54 -1.37 -19.04
C CYS A 177 -12.67 -1.75 -20.20
N ASP A 178 -13.19 -1.64 -21.43
CA ASP A 178 -12.34 -1.85 -22.60
C ASP A 178 -11.62 -0.52 -22.81
N SER A 179 -10.27 -0.54 -22.90
CA SER A 179 -9.49 0.69 -23.07
C SER A 179 -9.97 1.58 -24.22
N ASN A 180 -10.32 0.97 -25.37
CA ASN A 180 -10.78 1.69 -26.58
C ASN A 180 -12.09 2.47 -26.38
N LYS A 181 -12.85 2.14 -25.33
CA LYS A 181 -14.14 2.75 -24.98
C LYS A 181 -14.05 3.86 -23.91
N LEU A 182 -12.87 4.04 -23.26
CA LEU A 182 -12.71 5.09 -22.25
C LEU A 182 -13.08 6.41 -22.84
N ASP A 183 -14.03 7.10 -22.20
CA ASP A 183 -14.59 8.35 -22.69
C ASP A 183 -15.35 9.07 -21.58
N PRO A 184 -14.85 10.25 -21.16
CA PRO A 184 -15.55 11.01 -20.10
C PRO A 184 -17.01 11.32 -20.44
N GLU A 185 -17.34 11.45 -21.73
CA GLU A 185 -18.71 11.76 -22.16
C GLU A 185 -19.65 10.57 -22.13
N VAL A 186 -19.13 9.33 -22.10
CA VAL A 186 -20.00 8.14 -22.22
C VAL A 186 -19.86 7.18 -21.05
N ALA A 187 -21.01 6.82 -20.41
CA ALA A 187 -21.04 5.90 -19.26
C ALA A 187 -20.35 4.59 -19.68
N GLN A 188 -19.43 4.15 -18.85
CA GLN A 188 -18.54 3.03 -19.16
C GLN A 188 -19.15 1.65 -18.95
N PRO A 189 -19.30 0.88 -20.06
CA PRO A 189 -19.79 -0.50 -19.91
C PRO A 189 -18.68 -1.43 -19.45
N MET A 190 -19.05 -2.49 -18.76
CA MET A 190 -18.09 -3.52 -18.34
C MET A 190 -17.64 -4.25 -19.62
N THR A 191 -16.40 -4.74 -19.62
CA THR A 191 -15.87 -5.50 -20.75
C THR A 191 -16.70 -6.77 -20.87
N THR A 192 -16.84 -7.25 -22.11
CA THR A 192 -17.51 -8.52 -22.37
C THR A 192 -16.50 -9.58 -22.80
N ASP A 193 -15.36 -9.17 -23.43
CA ASP A 193 -14.38 -10.14 -23.89
C ASP A 193 -13.29 -10.48 -22.86
N PHE A 194 -13.05 -9.59 -21.85
CA PHE A 194 -12.01 -9.76 -20.84
C PHE A 194 -10.62 -9.91 -21.48
N ALA A 195 -10.44 -9.34 -22.68
CA ALA A 195 -9.16 -9.42 -23.41
C ALA A 195 -8.07 -8.67 -22.67
N GLU A 196 -8.46 -7.73 -21.77
CA GLU A 196 -7.45 -7.00 -21.01
C GLU A 196 -7.17 -7.62 -19.64
N PHE A 197 -7.66 -8.85 -19.40
CA PHE A 197 -7.36 -9.58 -18.17
C PHE A 197 -6.17 -10.52 -18.46
N THR A 198 -4.98 -9.91 -18.63
CA THR A 198 -3.73 -10.62 -18.96
C THR A 198 -2.72 -10.45 -17.80
N PRO A 199 -1.75 -11.38 -17.66
CA PRO A 199 -0.72 -11.20 -16.63
C PRO A 199 0.03 -9.86 -16.78
N ALA A 200 0.37 -9.41 -18.02
CA ALA A 200 1.08 -8.13 -18.21
C ALA A 200 0.29 -6.91 -17.72
N ILE A 201 -1.02 -6.89 -18.03
CA ILE A 201 -1.88 -5.77 -17.61
C ILE A 201 -2.10 -5.77 -16.09
N TYR A 202 -2.28 -6.99 -15.51
CA TYR A 202 -2.44 -7.15 -14.07
C TYR A 202 -1.16 -6.65 -13.39
N LYS A 203 0.02 -7.03 -13.91
CA LYS A 203 1.32 -6.59 -13.34
C LYS A 203 1.40 -5.07 -13.32
N ARG A 204 1.01 -4.40 -14.42
CA ARG A 204 1.01 -2.92 -14.47
C ARG A 204 0.11 -2.34 -13.40
N ILE A 205 -1.17 -2.83 -13.27
CA ILE A 205 -2.05 -2.32 -12.21
C ILE A 205 -1.33 -2.38 -10.88
N VAL A 206 -0.88 -3.59 -10.50
CA VAL A 206 -0.27 -3.84 -9.19
C VAL A 206 1.01 -3.02 -8.95
N LYS A 207 1.87 -2.93 -9.97
CA LYS A 207 3.13 -2.19 -9.84
C LYS A 207 2.86 -0.77 -9.37
N TYR A 208 1.92 -0.10 -10.02
CA TYR A 208 1.62 1.28 -9.63
C TYR A 208 0.69 1.43 -8.45
N LYS A 209 -0.39 0.64 -8.36
CA LYS A 209 -1.33 0.90 -7.25
C LYS A 209 -0.77 0.61 -5.83
N THR A 210 0.21 -0.32 -5.69
CA THR A 210 0.65 -0.63 -4.34
C THR A 210 2.17 -0.77 -4.12
N THR A 211 2.93 -1.29 -5.08
CA THR A 211 4.35 -1.59 -4.83
C THR A 211 5.22 -0.34 -4.58
N PHE A 212 4.93 0.81 -5.23
CA PHE A 212 5.73 2.03 -5.01
C PHE A 212 5.64 2.49 -3.56
N TYR A 213 4.45 2.58 -2.98
CA TYR A 213 4.31 3.10 -1.62
C TYR A 213 4.48 2.03 -0.53
N THR A 214 4.21 0.74 -0.84
CA THR A 214 4.29 -0.31 0.19
C THR A 214 5.71 -0.84 0.36
N TYR A 215 6.49 -0.93 -0.73
CA TYR A 215 7.81 -1.53 -0.67
C TYR A 215 8.93 -0.59 -1.08
N LEU A 216 8.80 0.07 -2.23
CA LEU A 216 9.88 0.94 -2.68
C LEU A 216 10.14 2.12 -1.73
N LEU A 217 9.09 2.87 -1.42
CA LEU A 217 9.19 4.05 -0.56
C LEU A 217 9.79 3.71 0.81
N PRO A 218 9.30 2.70 1.58
CA PRO A 218 9.95 2.41 2.89
C PRO A 218 11.43 2.04 2.76
N LEU A 219 11.78 1.25 1.73
CA LEU A 219 13.19 0.87 1.59
C LEU A 219 14.09 2.04 1.28
N VAL A 220 13.71 2.85 0.28
CA VAL A 220 14.51 4.02 -0.13
C VAL A 220 14.47 5.09 0.97
N MET A 221 13.34 5.24 1.70
CA MET A 221 13.34 6.20 2.80
C MET A 221 14.34 5.78 3.91
N GLY A 222 14.43 4.46 4.20
CA GLY A 222 15.39 3.97 5.17
C GLY A 222 16.82 4.29 4.77
N LEU A 223 17.11 4.18 3.45
CA LEU A 223 18.43 4.53 2.91
C LEU A 223 18.69 6.03 3.01
N LEU A 224 17.69 6.86 2.69
CA LEU A 224 17.88 8.31 2.74
C LEU A 224 18.17 8.85 4.12
N VAL A 225 17.40 8.43 5.13
CA VAL A 225 17.62 8.94 6.48
C VAL A 225 18.96 8.43 7.08
N SER A 226 19.49 7.33 6.51
CA SER A 226 20.76 6.71 6.91
C SER A 226 21.94 7.28 6.13
N GLU A 227 21.66 8.15 5.11
CA GLU A 227 22.67 8.70 4.18
C GLU A 227 23.45 7.54 3.55
N ALA A 228 22.69 6.50 3.10
CA ALA A 228 23.24 5.24 2.58
C ALA A 228 22.86 4.90 1.15
N ALA A 229 22.28 5.84 0.39
CA ALA A 229 21.89 5.50 -1.00
C ALA A 229 23.07 5.02 -1.89
N ALA A 230 24.33 5.38 -1.56
CA ALA A 230 25.53 4.94 -2.31
C ALA A 230 25.90 3.48 -2.02
N SER A 231 25.34 2.89 -0.95
CA SER A 231 25.59 1.50 -0.56
C SER A 231 24.74 0.51 -1.39
N VAL A 232 23.89 1.01 -2.29
CA VAL A 232 23.01 0.17 -3.11
C VAL A 232 23.03 0.54 -4.58
N GLU A 233 22.64 -0.42 -5.42
CA GLU A 233 22.38 -0.22 -6.83
C GLU A 233 20.85 0.00 -6.86
N MET A 234 20.40 1.24 -7.11
CA MET A 234 18.97 1.61 -7.10
C MET A 234 18.10 0.74 -8.04
N ASN A 235 18.63 0.32 -9.22
CA ASN A 235 17.87 -0.56 -10.13
C ASN A 235 17.51 -1.90 -9.48
N LEU A 236 18.39 -2.44 -8.61
CA LEU A 236 18.09 -3.70 -7.91
C LEU A 236 17.03 -3.42 -6.84
N VAL A 237 17.10 -2.26 -6.18
CA VAL A 237 16.12 -1.91 -5.15
C VAL A 237 14.72 -1.85 -5.77
N GLU A 238 14.60 -1.20 -6.95
CA GLU A 238 13.33 -1.07 -7.64
C GLU A 238 12.79 -2.41 -8.06
N ARG A 239 13.66 -3.27 -8.66
CA ARG A 239 13.29 -4.60 -9.13
C ARG A 239 12.81 -5.48 -7.98
N VAL A 240 13.54 -5.49 -6.83
CA VAL A 240 13.11 -6.35 -5.72
C VAL A 240 11.80 -5.82 -5.07
N ALA A 241 11.66 -4.49 -4.95
CA ALA A 241 10.47 -3.85 -4.37
C ALA A 241 9.24 -4.20 -5.19
N HIS A 242 9.36 -4.09 -6.53
CA HIS A 242 8.26 -4.37 -7.45
C HIS A 242 7.86 -5.84 -7.42
N LEU A 243 8.84 -6.74 -7.29
CA LEU A 243 8.66 -8.17 -7.21
C LEU A 243 7.96 -8.62 -5.91
N ILE A 244 8.44 -8.14 -4.75
CA ILE A 244 7.80 -8.47 -3.46
C ILE A 244 6.38 -7.87 -3.40
N GLY A 245 6.24 -6.65 -3.91
CA GLY A 245 4.97 -5.94 -3.92
C GLY A 245 3.87 -6.65 -4.67
N GLU A 246 4.23 -7.24 -5.83
CA GLU A 246 3.31 -8.01 -6.67
C GLU A 246 2.82 -9.24 -5.92
N TYR A 247 3.74 -9.96 -5.27
CA TYR A 247 3.44 -11.16 -4.47
C TYR A 247 2.48 -10.79 -3.33
N PHE A 248 2.73 -9.63 -2.68
CA PHE A 248 1.87 -9.11 -1.61
C PHE A 248 0.43 -8.94 -2.11
N GLN A 249 0.27 -8.31 -3.26
CA GLN A 249 -1.04 -8.08 -3.86
C GLN A 249 -1.72 -9.36 -4.34
N VAL A 250 -0.95 -10.36 -4.82
CA VAL A 250 -1.56 -11.62 -5.26
C VAL A 250 -2.22 -12.28 -4.03
N GLN A 251 -1.51 -12.23 -2.87
CA GLN A 251 -1.99 -12.73 -1.57
C GLN A 251 -3.28 -12.02 -1.18
N ASP A 252 -3.32 -10.66 -1.29
CA ASP A 252 -4.50 -9.86 -0.98
C ASP A 252 -5.68 -10.23 -1.88
N ASP A 253 -5.42 -10.48 -3.19
CA ASP A 253 -6.47 -10.91 -4.13
C ASP A 253 -7.08 -12.25 -3.75
N VAL A 254 -6.25 -13.23 -3.37
CA VAL A 254 -6.77 -14.54 -2.99
C VAL A 254 -7.61 -14.46 -1.70
N MET A 255 -7.14 -13.68 -0.73
CA MET A 255 -7.79 -13.49 0.57
C MET A 255 -9.14 -12.78 0.40
N ASP A 256 -9.22 -11.82 -0.53
CA ASP A 256 -10.48 -11.11 -0.79
C ASP A 256 -11.62 -12.10 -1.13
N CYS A 257 -11.29 -13.13 -1.91
CA CYS A 257 -12.25 -14.12 -2.36
C CYS A 257 -12.47 -15.24 -1.35
N PHE A 258 -11.42 -15.73 -0.67
CA PHE A 258 -11.61 -16.92 0.17
C PHE A 258 -11.40 -16.76 1.69
N THR A 259 -10.75 -15.69 2.18
CA THR A 259 -10.56 -15.52 3.63
C THR A 259 -11.88 -15.08 4.26
N PRO A 260 -12.42 -15.82 5.27
CA PRO A 260 -13.70 -15.43 5.89
C PRO A 260 -13.77 -13.98 6.32
N PRO A 261 -14.94 -13.30 6.12
CA PRO A 261 -15.05 -11.87 6.49
C PRO A 261 -14.55 -11.52 7.89
N GLU A 262 -14.77 -12.40 8.89
CA GLU A 262 -14.33 -12.24 10.27
C GLU A 262 -12.79 -12.08 10.38
N GLN A 263 -12.05 -12.95 9.67
CA GLN A 263 -10.59 -12.94 9.63
C GLN A 263 -10.06 -11.83 8.71
N LEU A 264 -10.76 -11.59 7.57
CA LEU A 264 -10.40 -10.57 6.57
C LEU A 264 -10.59 -9.14 7.11
N GLY A 265 -11.61 -8.95 7.95
CA GLY A 265 -11.95 -7.66 8.54
C GLY A 265 -12.92 -6.85 7.71
N LYS A 266 -13.49 -7.49 6.65
CA LYS A 266 -14.45 -6.94 5.68
C LYS A 266 -15.04 -8.06 4.81
N VAL A 267 -16.13 -7.74 4.08
CA VAL A 267 -16.77 -8.64 3.10
C VAL A 267 -16.05 -8.31 1.78
N GLY A 268 -15.35 -9.28 1.21
CA GLY A 268 -14.62 -9.06 -0.05
C GLY A 268 -15.58 -8.93 -1.21
N THR A 269 -15.42 -7.91 -2.08
CA THR A 269 -16.32 -7.71 -3.22
C THR A 269 -15.63 -7.66 -4.61
N ASP A 270 -14.39 -8.18 -4.76
CA ASP A 270 -13.67 -8.12 -6.04
C ASP A 270 -14.45 -8.70 -7.22
N ILE A 271 -15.16 -9.82 -7.02
CA ILE A 271 -15.98 -10.46 -8.07
C ILE A 271 -17.11 -9.53 -8.51
N GLU A 272 -17.87 -8.97 -7.54
CA GLU A 272 -18.99 -8.05 -7.76
C GLU A 272 -18.53 -6.80 -8.48
N ASP A 273 -17.34 -6.30 -8.09
CA ASP A 273 -16.72 -5.11 -8.64
C ASP A 273 -16.01 -5.32 -9.98
N ALA A 274 -15.97 -6.59 -10.47
CA ALA A 274 -15.32 -7.03 -11.72
C ALA A 274 -13.83 -6.66 -11.81
N LYS A 275 -13.14 -6.69 -10.66
CA LYS A 275 -11.72 -6.35 -10.57
C LYS A 275 -10.86 -7.31 -11.36
N CYS A 276 -9.75 -6.79 -11.90
CA CYS A 276 -8.78 -7.59 -12.62
C CYS A 276 -7.86 -8.13 -11.52
N SER A 277 -8.31 -9.20 -10.87
CA SER A 277 -7.61 -9.86 -9.77
C SER A 277 -6.70 -10.97 -10.32
N TRP A 278 -5.74 -11.43 -9.49
CA TRP A 278 -4.87 -12.53 -9.91
C TRP A 278 -5.72 -13.79 -10.18
N LEU A 279 -6.79 -14.02 -9.38
CA LEU A 279 -7.67 -15.18 -9.56
C LEU A 279 -8.40 -15.14 -10.93
N ALA A 280 -8.91 -13.97 -11.34
CA ALA A 280 -9.62 -13.85 -12.64
C ALA A 280 -8.64 -14.05 -13.84
N VAL A 281 -7.48 -13.36 -13.81
CA VAL A 281 -6.45 -13.47 -14.86
C VAL A 281 -5.96 -14.94 -15.00
N THR A 282 -5.57 -15.54 -13.86
CA THR A 282 -5.08 -16.92 -13.82
C THR A 282 -6.15 -17.92 -14.28
N PHE A 283 -7.42 -17.74 -13.84
CA PHE A 283 -8.53 -18.60 -14.24
C PHE A 283 -8.70 -18.52 -15.75
N LEU A 284 -8.72 -17.29 -16.31
CA LEU A 284 -8.87 -17.11 -17.75
C LEU A 284 -7.68 -17.69 -18.54
N GLY A 285 -6.52 -17.76 -17.89
CA GLY A 285 -5.32 -18.32 -18.46
C GLY A 285 -5.28 -19.83 -18.57
N LYS A 286 -6.27 -20.53 -17.96
CA LYS A 286 -6.25 -22.00 -18.04
C LYS A 286 -7.62 -22.64 -18.37
N ALA A 287 -8.71 -21.85 -18.36
CA ALA A 287 -10.06 -22.33 -18.61
C ALA A 287 -10.29 -22.78 -20.04
N ASN A 288 -11.25 -23.71 -20.25
CA ASN A 288 -11.64 -24.15 -21.60
C ASN A 288 -12.77 -23.19 -22.07
N ALA A 289 -13.28 -23.34 -23.31
CA ALA A 289 -14.34 -22.49 -23.88
C ALA A 289 -15.59 -22.40 -22.99
N ALA A 290 -16.08 -23.56 -22.49
CA ALA A 290 -17.26 -23.65 -21.62
C ALA A 290 -17.09 -22.86 -20.31
N GLN A 291 -15.93 -23.03 -19.61
CA GLN A 291 -15.62 -22.34 -18.36
C GLN A 291 -15.49 -20.81 -18.56
N VAL A 292 -14.88 -20.37 -19.70
CA VAL A 292 -14.73 -18.93 -20.03
C VAL A 292 -16.13 -18.33 -20.18
N ALA A 293 -17.01 -19.04 -20.91
CA ALA A 293 -18.38 -18.61 -21.14
C ALA A 293 -19.16 -18.48 -19.81
N GLU A 294 -19.06 -19.49 -18.91
CA GLU A 294 -19.71 -19.45 -17.60
C GLU A 294 -19.17 -18.30 -16.76
N PHE A 295 -17.86 -18.04 -16.84
CA PHE A 295 -17.25 -16.92 -16.11
C PHE A 295 -17.88 -15.59 -16.57
N LYS A 296 -17.92 -15.36 -17.91
CA LYS A 296 -18.48 -14.13 -18.49
C LYS A 296 -19.94 -13.90 -18.10
N ALA A 297 -20.76 -14.97 -18.04
CA ALA A 297 -22.17 -14.82 -17.67
C ALA A 297 -22.39 -14.50 -16.18
N ASN A 298 -21.35 -14.66 -15.32
CA ASN A 298 -21.51 -14.45 -13.87
C ASN A 298 -20.63 -13.37 -13.21
N TYR A 299 -19.52 -12.96 -13.86
CA TYR A 299 -18.60 -12.00 -13.27
C TYR A 299 -19.14 -10.58 -13.27
N GLY A 300 -18.74 -9.83 -12.25
CA GLY A 300 -19.06 -8.42 -12.08
C GLY A 300 -20.50 -8.09 -11.76
N GLU A 301 -21.21 -9.04 -11.14
CA GLU A 301 -22.62 -8.85 -10.76
C GLU A 301 -22.84 -9.06 -9.27
N LYS A 302 -23.71 -8.24 -8.66
CA LYS A 302 -23.95 -8.29 -7.22
C LYS A 302 -24.73 -9.55 -6.77
N ASP A 303 -25.56 -10.16 -7.65
CA ASP A 303 -26.33 -11.37 -7.34
C ASP A 303 -25.47 -12.45 -6.65
N PRO A 304 -25.75 -12.79 -5.36
CA PRO A 304 -24.92 -13.79 -4.65
C PRO A 304 -24.83 -15.17 -5.29
N ALA A 305 -25.84 -15.57 -6.10
CA ALA A 305 -25.84 -16.86 -6.82
C ALA A 305 -24.76 -16.81 -7.91
N LYS A 306 -24.60 -15.64 -8.59
CA LYS A 306 -23.61 -15.41 -9.64
C LYS A 306 -22.19 -15.37 -9.08
N VAL A 307 -22.03 -14.76 -7.90
CA VAL A 307 -20.76 -14.68 -7.17
C VAL A 307 -20.32 -16.12 -6.77
N ALA A 308 -21.29 -16.94 -6.32
CA ALA A 308 -21.02 -18.34 -5.91
C ALA A 308 -20.54 -19.19 -7.09
N VAL A 309 -21.05 -18.93 -8.32
CA VAL A 309 -20.65 -19.63 -9.56
C VAL A 309 -19.18 -19.34 -9.85
N VAL A 310 -18.78 -18.04 -9.78
CA VAL A 310 -17.41 -17.58 -10.01
C VAL A 310 -16.48 -18.24 -8.98
N LYS A 311 -16.87 -18.21 -7.68
CA LYS A 311 -16.08 -18.83 -6.60
C LYS A 311 -15.91 -20.33 -6.79
N ARG A 312 -16.98 -21.02 -7.26
CA ARG A 312 -16.87 -22.45 -7.52
C ARG A 312 -16.07 -22.73 -8.81
N LEU A 313 -16.09 -21.81 -9.81
CA LEU A 313 -15.31 -21.95 -11.04
C LEU A 313 -13.82 -21.90 -10.68
N TYR A 314 -13.46 -20.97 -9.78
CA TYR A 314 -12.11 -20.77 -9.28
C TYR A 314 -11.63 -22.00 -8.53
N SER A 315 -12.48 -22.52 -7.60
CA SER A 315 -12.22 -23.71 -6.78
C SER A 315 -11.98 -24.95 -7.66
N LYS A 316 -12.88 -25.23 -8.63
CA LYS A 316 -12.74 -26.37 -9.55
C LYS A 316 -11.56 -26.24 -10.53
N ALA A 317 -11.04 -25.01 -10.76
CA ALA A 317 -9.94 -24.71 -11.68
C ALA A 317 -8.54 -25.01 -11.12
N ASN A 318 -8.46 -25.40 -9.84
CA ASN A 318 -7.21 -25.73 -9.13
C ASN A 318 -6.16 -24.61 -9.25
N LEU A 319 -6.57 -23.42 -8.82
CA LEU A 319 -5.72 -22.23 -8.83
C LEU A 319 -4.62 -22.30 -7.75
N GLN A 320 -4.73 -23.25 -6.80
CA GLN A 320 -3.71 -23.48 -5.76
C GLN A 320 -2.39 -23.91 -6.40
N ALA A 321 -2.45 -24.73 -7.48
CA ALA A 321 -1.28 -25.20 -8.23
C ALA A 321 -0.57 -24.02 -8.90
N ASP A 322 -1.35 -23.15 -9.58
CA ASP A 322 -0.82 -21.95 -10.22
C ASP A 322 -0.20 -21.04 -9.18
N PHE A 323 -0.87 -20.87 -8.02
CA PHE A 323 -0.33 -20.04 -6.94
C PHE A 323 0.99 -20.62 -6.42
N ALA A 324 1.05 -21.95 -6.18
CA ALA A 324 2.29 -22.57 -5.70
C ALA A 324 3.43 -22.35 -6.70
N ALA A 325 3.10 -22.43 -8.02
CA ALA A 325 4.06 -22.27 -9.12
C ALA A 325 4.57 -20.83 -9.20
N TYR A 326 3.65 -19.84 -9.05
CA TYR A 326 3.97 -18.42 -9.04
C TYR A 326 4.89 -18.09 -7.84
N GLU A 327 4.54 -18.61 -6.64
CA GLU A 327 5.25 -18.46 -5.38
C GLU A 327 6.68 -19.03 -5.46
N ALA A 328 6.84 -20.22 -6.10
CA ALA A 328 8.16 -20.84 -6.27
C ALA A 328 9.05 -19.94 -7.13
N GLU A 329 8.48 -19.35 -8.19
CA GLU A 329 9.17 -18.43 -9.08
C GLU A 329 9.56 -17.12 -8.36
N VAL A 330 8.67 -16.62 -7.50
CA VAL A 330 8.94 -15.38 -6.72
C VAL A 330 10.06 -15.63 -5.70
N VAL A 331 10.02 -16.75 -4.93
CA VAL A 331 11.06 -17.15 -3.96
C VAL A 331 12.42 -17.16 -4.67
N ARG A 332 12.45 -17.75 -5.84
CA ARG A 332 13.61 -17.89 -6.70
C ARG A 332 14.18 -16.50 -7.13
N GLU A 333 13.33 -15.64 -7.67
CA GLU A 333 13.73 -14.32 -8.12
C GLU A 333 14.10 -13.38 -6.98
N VAL A 334 13.33 -13.42 -5.85
CA VAL A 334 13.62 -12.58 -4.67
C VAL A 334 15.00 -12.95 -4.11
N GLU A 335 15.26 -14.26 -3.91
CA GLU A 335 16.56 -14.76 -3.43
C GLU A 335 17.72 -14.32 -4.34
N SER A 336 17.52 -14.35 -5.67
CA SER A 336 18.53 -13.92 -6.67
C SER A 336 18.86 -12.42 -6.54
N LEU A 337 17.82 -11.58 -6.40
CA LEU A 337 18.00 -10.12 -6.25
C LEU A 337 18.68 -9.80 -4.92
N ILE A 338 18.33 -10.55 -3.83
CA ILE A 338 18.94 -10.40 -2.52
C ILE A 338 20.44 -10.68 -2.62
N GLU A 339 20.80 -11.76 -3.36
CA GLU A 339 22.18 -12.14 -3.60
C GLU A 339 22.94 -11.05 -4.33
N GLN A 340 22.30 -10.40 -5.32
CA GLN A 340 22.90 -9.31 -6.08
C GLN A 340 23.10 -8.08 -5.16
N LEU A 341 22.15 -7.83 -4.18
CA LEU A 341 22.23 -6.70 -3.23
C LEU A 341 23.45 -6.80 -2.29
N LYS A 342 23.88 -8.04 -1.98
CA LYS A 342 25.05 -8.33 -1.13
C LYS A 342 26.37 -7.81 -1.70
N VAL A 343 26.47 -7.63 -3.04
CA VAL A 343 27.69 -7.14 -3.74
C VAL A 343 28.10 -5.77 -3.17
N LYS A 344 27.12 -4.85 -3.03
CA LYS A 344 27.36 -3.51 -2.50
C LYS A 344 27.01 -3.35 -1.01
N SER A 345 25.97 -4.05 -0.50
CA SER A 345 25.60 -3.91 0.92
C SER A 345 24.95 -5.16 1.55
N PRO A 346 25.75 -5.97 2.26
CA PRO A 346 25.19 -7.14 2.95
C PRO A 346 24.13 -6.75 3.98
N THR A 347 24.32 -5.59 4.64
CA THR A 347 23.39 -5.03 5.61
C THR A 347 22.03 -4.73 4.96
N PHE A 348 22.04 -4.02 3.82
CA PHE A 348 20.78 -3.71 3.14
C PHE A 348 20.11 -4.98 2.62
N ALA A 349 20.91 -5.93 2.06
CA ALA A 349 20.38 -7.22 1.60
C ALA A 349 19.64 -7.93 2.75
N GLU A 350 20.22 -7.89 3.97
CA GLU A 350 19.62 -8.48 5.17
C GLU A 350 18.28 -7.84 5.54
N SER A 351 18.14 -6.50 5.35
CA SER A 351 16.86 -5.82 5.65
C SER A 351 15.81 -6.27 4.65
N VAL A 352 16.23 -6.47 3.38
CA VAL A 352 15.35 -6.94 2.30
C VAL A 352 14.90 -8.36 2.58
N ALA A 353 15.84 -9.22 3.10
CA ALA A 353 15.50 -10.60 3.47
C ALA A 353 14.37 -10.63 4.53
N VAL A 354 14.43 -9.73 5.53
CA VAL A 354 13.42 -9.61 6.60
C VAL A 354 12.07 -9.15 6.01
N VAL A 355 12.10 -8.15 5.10
CA VAL A 355 10.93 -7.64 4.38
C VAL A 355 10.25 -8.81 3.62
N TRP A 356 11.07 -9.64 2.97
CA TRP A 356 10.57 -10.81 2.25
C TRP A 356 9.96 -11.84 3.21
N GLU A 357 10.67 -12.20 4.30
CA GLU A 357 10.19 -13.17 5.30
C GLU A 357 8.81 -12.77 5.83
N LYS A 358 8.64 -11.51 6.24
CA LYS A 358 7.37 -10.97 6.75
C LYS A 358 6.26 -11.00 5.70
N THR A 359 6.59 -10.79 4.40
CA THR A 359 5.61 -10.84 3.31
C THR A 359 5.16 -12.29 3.04
N HIS A 360 6.14 -13.20 2.83
CA HIS A 360 5.97 -14.62 2.52
C HIS A 360 5.06 -15.35 3.50
N LYS A 361 5.17 -15.01 4.81
CA LYS A 361 4.34 -15.57 5.89
C LYS A 361 3.09 -14.69 6.08
C1 JMW B . -13.54 -23.27 0.52
C3 JMW B . -14.28 -21.95 0.40
C11 JMW B . -15.83 -22.37 -1.76
C12 JMW B . -9.02 -21.90 -2.48
C16 JMW B . -11.00 -23.29 -2.35
C17 JMW B . -9.87 -22.35 -0.26
C18 JMW B . -7.02 -21.01 -2.79
C19 JMW B . -7.48 -21.04 -4.10
C20 JMW B . -12.37 -23.01 -1.68
C21 JMW B . -11.26 -22.24 0.40
C22 JMW B . -5.76 -20.52 -2.46
C23 JMW B . -6.70 -20.56 -5.16
C24 JMW B . -4.98 -20.03 -3.51
C25 JMW B . -5.44 -20.04 -4.85
N2 JMW B . -12.25 -23.17 -0.21
C4 JMW B . -15.30 -21.66 -0.67
C5 JMW B . -15.67 -20.35 -0.38
N6 JMW B . -14.98 -19.93 0.70
C7 JMW B . -14.18 -20.86 1.16
C8 JMW B . -16.62 -19.67 -1.15
C9 JMW B . -17.19 -20.38 -2.23
C10 JMW B . -16.79 -21.71 -2.55
N13 JMW B . -9.94 -22.47 -1.74
N14 JMW B . -7.92 -21.53 -1.96
S15 JMW B . -9.07 -21.77 -4.25
CL JMW B . -3.41 -19.40 -3.09
O27 JMW B . -17.38 -22.34 -3.65
ZN ZN C . -10.16 0.78 -4.93
S SO4 D . -0.54 -2.75 7.49
O1 SO4 D . -1.31 -3.48 8.52
O2 SO4 D . -1.10 -1.39 7.30
O3 SO4 D . -0.62 -3.45 6.21
O4 SO4 D . 0.86 -2.71 7.96
S SO4 E . 7.73 24.88 11.60
O1 SO4 E . 8.28 26.22 11.46
O2 SO4 E . 7.56 24.59 13.03
O3 SO4 E . 6.44 24.79 10.92
O4 SO4 E . 8.65 23.92 10.99
#